data_3OB1
#
_entry.id   3OB1
#
_cell.length_a   122.092
_cell.length_b   122.092
_cell.length_c   55.689
_cell.angle_alpha   90.000
_cell.angle_beta   90.000
_cell.angle_gamma   120.000
#
_symmetry.space_group_name_H-M   'P 6'
#
loop_
_entity.id
_entity.type
_entity.pdbx_description
1 polymer '12-meric peptide from Protein sprouty homolog 2'
2 polymer 'E3 ubiquitin-protein ligase CBL'
3 water water
#
loop_
_entity_poly.entity_id
_entity_poly.type
_entity_poly.pdbx_seq_one_letter_code
_entity_poly.pdbx_strand_id
1 'polypeptide(L)' IRNTNE(PTR)(TPO)EGPT A
2 'polypeptide(L)'
;GSLIGLMKDAFQPHHHHHHHLSPHPPGTVDKKMVEKCWKLMDKVVRLCQNPKLALKNSPPYILDLLPDTYQHLRTILSRY
EGKMETLGENEYFRVFMENLMKKTKQTISLFKEGKERMYEENSQPRRNLTKLSLIFSHMLAELKGIFPSGLFQGDTFRIT
KADAAEFWRKAFGEKTIVPWKSFRQALHEVHPISSGLEAMALKSTIDLTCNDYISVFEFDIFTRLFQPWSSLLRNWNSLA
VTHPGYMAFLTYDEVKARLQKFIHKPGSYIFRLSCTRLGQWAIGYVTADGNILQTIPHNKPLFQALIDGFREGFYLFPDG
RNQNPDLTG
;
B
#
# COMPACT_ATOMS: atom_id res chain seq x y z
N ARG A 2 1.59 -16.66 -10.45
CA ARG A 2 1.63 -16.56 -8.95
C ARG A 2 3.03 -16.48 -8.34
N ASN A 3 3.23 -15.41 -7.60
CA ASN A 3 4.50 -15.06 -7.01
C ASN A 3 4.07 -14.59 -5.66
N THR A 4 4.59 -15.23 -4.61
CA THR A 4 4.15 -14.90 -3.27
C THR A 4 5.29 -14.92 -2.31
N ASN A 5 5.12 -14.19 -1.22
CA ASN A 5 6.09 -14.28 -0.16
C ASN A 5 5.54 -15.31 0.84
N GLU A 6 6.37 -15.74 1.77
CA GLU A 6 5.98 -16.74 2.74
C GLU A 6 5.27 -16.17 3.96
N PTR A 7 3.96 -16.36 4.04
CA PTR A 7 3.24 -15.93 5.23
C PTR A 7 2.78 -17.21 5.91
O PTR A 7 2.27 -18.13 5.24
CB PTR A 7 2.03 -15.00 4.93
CG PTR A 7 2.39 -13.66 4.32
CD1 PTR A 7 2.95 -12.66 5.09
CD2 PTR A 7 2.20 -13.41 2.96
CE1 PTR A 7 3.29 -11.45 4.56
CE2 PTR A 7 2.54 -12.19 2.41
CZ PTR A 7 3.07 -11.20 3.22
OH PTR A 7 3.40 -10.07 2.81
P PTR A 7 3.19 -9.50 1.31
O1P PTR A 7 3.99 -10.18 0.34
O2P PTR A 7 3.63 -8.03 1.28
O3P PTR A 7 1.71 -9.52 1.01
N TPO A 8 2.98 -17.29 7.22
CA TPO A 8 2.72 -18.53 7.92
CB TPO A 8 4.04 -19.20 8.31
CG2 TPO A 8 4.76 -18.52 9.49
OG1 TPO A 8 3.79 -20.54 8.73
P TPO A 8 3.40 -21.77 7.71
O1P TPO A 8 2.83 -21.21 6.46
O2P TPO A 8 4.75 -22.38 7.56
O3P TPO A 8 2.35 -22.57 8.50
C TPO A 8 1.83 -18.26 9.11
O TPO A 8 1.45 -17.13 9.39
N GLU A 9 1.44 -19.30 9.79
CA GLU A 9 0.55 -19.15 10.87
C GLU A 9 1.14 -18.35 12.04
N GLY A 10 0.31 -17.53 12.68
CA GLY A 10 0.75 -16.71 13.77
C GLY A 10 0.98 -17.50 15.03
N PRO A 11 1.70 -16.92 15.96
CA PRO A 11 2.05 -17.58 17.23
C PRO A 11 0.84 -17.72 18.17
N MET B 33 -2.24 8.51 -25.81
CA MET B 33 -1.72 8.62 -24.40
C MET B 33 -1.46 7.24 -23.80
N VAL B 34 -2.40 6.33 -24.03
CA VAL B 34 -2.27 4.96 -23.61
C VAL B 34 -1.01 4.30 -24.19
N GLU B 35 -0.70 4.65 -25.43
CA GLU B 35 0.49 4.08 -26.05
C GLU B 35 1.78 4.72 -25.61
N LYS B 36 1.75 6.01 -25.31
CA LYS B 36 2.84 6.66 -24.60
C LYS B 36 3.13 5.94 -23.22
N CYS B 37 2.10 5.58 -22.44
CA CYS B 37 2.29 4.90 -21.17
C CYS B 37 2.98 3.54 -21.33
N TRP B 38 2.57 2.80 -22.36
CA TRP B 38 3.21 1.54 -22.68
C TRP B 38 4.69 1.62 -22.97
N LYS B 39 5.09 2.61 -23.77
CA LYS B 39 6.51 2.83 -24.05
C LYS B 39 7.29 3.29 -22.81
N LEU B 40 6.67 4.09 -21.96
CA LEU B 40 7.28 4.45 -20.67
C LEU B 40 7.43 3.21 -19.77
N MET B 41 6.33 2.45 -19.64
CA MET B 41 6.35 1.17 -18.89
C MET B 41 7.41 0.24 -19.48
N ASP B 42 7.47 0.20 -20.80
CA ASP B 42 8.47 -0.62 -21.42
C ASP B 42 9.91 -0.27 -21.04
N LYS B 43 10.18 1.04 -20.98
CA LYS B 43 11.47 1.54 -20.62
C LYS B 43 11.80 1.21 -19.16
N VAL B 44 10.84 1.42 -18.25
CA VAL B 44 11.08 1.02 -16.85
C VAL B 44 11.48 -0.46 -16.72
N VAL B 45 10.75 -1.32 -17.43
CA VAL B 45 11.01 -2.76 -17.42
C VAL B 45 12.44 -3.00 -17.86
N ARG B 46 12.87 -2.39 -18.97
CA ARG B 46 14.25 -2.62 -19.40
C ARG B 46 15.25 -2.10 -18.35
N LEU B 47 14.97 -0.94 -17.74
CA LEU B 47 15.82 -0.45 -16.65
C LEU B 47 15.91 -1.45 -15.48
N CYS B 48 14.78 -2.08 -15.15
CA CYS B 48 14.70 -3.04 -14.06
C CYS B 48 15.26 -4.45 -14.35
N GLN B 49 15.59 -4.73 -15.59
CA GLN B 49 16.24 -6.01 -15.96
C GLN B 49 17.75 -6.01 -15.81
N ASN B 50 18.31 -4.88 -15.42
CA ASN B 50 19.75 -4.76 -15.23
C ASN B 50 20.24 -5.69 -14.08
N PRO B 51 21.09 -6.67 -14.41
CA PRO B 51 21.58 -7.67 -13.44
C PRO B 51 22.30 -7.04 -12.27
N LYS B 52 22.78 -5.80 -12.45
CA LYS B 52 23.48 -5.08 -11.39
C LYS B 52 22.54 -4.74 -10.23
N LEU B 53 21.26 -4.58 -10.55
CA LEU B 53 20.26 -4.24 -9.53
C LEU B 53 20.10 -5.33 -8.53
N ALA B 54 20.48 -6.56 -8.92
CA ALA B 54 20.18 -7.77 -8.17
C ALA B 54 18.73 -7.69 -7.62
N LEU B 55 17.79 -7.41 -8.52
CA LEU B 55 16.41 -7.11 -8.12
C LEU B 55 15.70 -8.38 -7.66
N LYS B 56 15.25 -8.27 -6.43
CA LYS B 56 14.58 -9.34 -5.74
C LYS B 56 13.24 -9.63 -6.45
N ASN B 57 13.06 -10.88 -6.78
CA ASN B 57 11.87 -11.44 -7.37
C ASN B 57 10.52 -11.36 -6.55
N SER B 58 10.59 -11.05 -5.27
CA SER B 58 9.38 -11.08 -4.47
C SER B 58 8.47 -9.86 -4.58
N PRO B 59 7.17 -10.10 -4.42
CA PRO B 59 6.25 -9.00 -4.45
C PRO B 59 6.64 -7.95 -3.37
N PRO B 60 6.68 -6.66 -3.75
CA PRO B 60 6.26 -6.17 -5.07
C PRO B 60 7.40 -6.22 -6.08
N TYR B 61 7.11 -6.76 -7.25
CA TYR B 61 8.14 -6.98 -8.27
C TYR B 61 7.71 -6.28 -9.53
N ILE B 62 8.38 -5.19 -9.84
CA ILE B 62 8.07 -4.37 -10.99
C ILE B 62 8.07 -5.16 -12.32
N LEU B 63 8.95 -6.16 -12.45
CA LEU B 63 8.94 -7.01 -13.65
C LEU B 63 7.67 -7.85 -13.87
N ASP B 64 6.92 -8.07 -12.78
CA ASP B 64 5.57 -8.66 -12.87
C ASP B 64 4.50 -7.53 -13.06
N LEU B 65 4.63 -6.45 -12.30
CA LEU B 65 3.52 -5.52 -12.10
C LEU B 65 3.20 -4.77 -13.36
N LEU B 66 4.24 -4.30 -14.03
CA LEU B 66 4.08 -3.49 -15.21
C LEU B 66 3.41 -4.31 -16.33
N PRO B 67 3.96 -5.50 -16.70
CA PRO B 67 3.23 -6.28 -17.73
C PRO B 67 1.82 -6.68 -17.31
N ASP B 68 1.62 -6.99 -16.01
CA ASP B 68 0.25 -7.19 -15.48
C ASP B 68 -0.61 -5.97 -15.62
N THR B 69 -0.05 -4.77 -15.47
CA THR B 69 -0.85 -3.55 -15.58
C THR B 69 -1.22 -3.37 -17.07
N TYR B 70 -0.24 -3.56 -17.94
CA TYR B 70 -0.46 -3.57 -19.37
C TYR B 70 -1.58 -4.55 -19.75
N GLN B 71 -1.49 -5.79 -19.28
CA GLN B 71 -2.53 -6.76 -19.63
C GLN B 71 -3.92 -6.26 -19.17
N HIS B 72 -4.02 -5.70 -17.97
CA HIS B 72 -5.30 -5.22 -17.50
C HIS B 72 -5.83 -3.99 -18.25
N LEU B 73 -4.92 -3.14 -18.74
CA LEU B 73 -5.31 -1.97 -19.53
C LEU B 73 -5.80 -2.46 -20.89
N ARG B 74 -5.10 -3.46 -21.42
CA ARG B 74 -5.48 -4.13 -22.64
C ARG B 74 -6.89 -4.69 -22.52
N THR B 75 -7.17 -5.40 -21.41
CA THR B 75 -8.51 -5.88 -21.09
C THR B 75 -9.58 -4.75 -21.05
N ILE B 76 -9.31 -3.65 -20.35
CA ILE B 76 -10.24 -2.52 -20.29
C ILE B 76 -10.50 -1.93 -21.68
N LEU B 77 -9.44 -1.64 -22.42
CA LEU B 77 -9.61 -1.17 -23.77
C LEU B 77 -10.46 -2.11 -24.62
N SER B 78 -10.22 -3.41 -24.52
CA SER B 78 -10.97 -4.36 -25.31
C SER B 78 -12.49 -4.35 -25.00
N ARG B 79 -12.89 -4.10 -23.74
CA ARG B 79 -14.30 -4.10 -23.39
C ARG B 79 -14.96 -2.80 -23.79
N TYR B 80 -14.15 -1.79 -24.05
CA TYR B 80 -14.65 -0.49 -24.43
C TYR B 80 -14.49 -0.19 -25.93
N GLU B 81 -14.19 -1.24 -26.73
CA GLU B 81 -14.18 -1.12 -28.21
C GLU B 81 -15.46 -0.47 -28.74
N GLY B 82 -15.30 0.56 -29.55
CA GLY B 82 -16.45 1.40 -29.91
C GLY B 82 -16.49 2.50 -28.86
N LYS B 83 -17.26 2.25 -27.78
CA LYS B 83 -17.50 3.19 -26.66
C LYS B 83 -16.26 3.75 -25.94
N MET B 84 -15.24 4.07 -26.75
CA MET B 84 -13.94 4.54 -26.33
C MET B 84 -13.97 5.96 -25.76
N GLU B 85 -15.10 6.62 -25.96
CA GLU B 85 -15.23 8.00 -25.61
C GLU B 85 -15.87 8.08 -24.23
N THR B 86 -16.74 7.11 -23.91
CA THR B 86 -17.19 6.86 -22.55
C THR B 86 -15.94 6.65 -21.65
N LEU B 87 -15.15 5.64 -21.99
CA LEU B 87 -13.92 5.33 -21.26
C LEU B 87 -13.03 6.56 -21.07
N GLY B 88 -12.68 7.21 -22.17
CA GLY B 88 -11.77 8.37 -22.17
C GLY B 88 -12.25 9.55 -21.31
N GLU B 89 -13.54 9.57 -20.98
CA GLU B 89 -14.15 10.60 -20.15
C GLU B 89 -14.24 10.25 -18.65
N ASN B 90 -14.20 8.96 -18.32
CA ASN B 90 -14.30 8.47 -16.96
C ASN B 90 -13.27 9.19 -16.08
N GLU B 91 -13.71 9.80 -14.98
CA GLU B 91 -12.84 10.65 -14.15
C GLU B 91 -11.72 9.81 -13.50
N TYR B 92 -12.08 8.63 -12.96
CA TYR B 92 -11.10 7.80 -12.27
C TYR B 92 -10.01 7.34 -13.26
N PHE B 93 -10.45 6.89 -14.43
CA PHE B 93 -9.54 6.37 -15.42
C PHE B 93 -8.56 7.44 -15.87
N ARG B 94 -9.06 8.66 -15.93
CA ARG B 94 -8.26 9.80 -16.32
C ARG B 94 -7.17 10.11 -15.27
N VAL B 95 -7.60 10.17 -14.01
CA VAL B 95 -6.64 10.22 -12.91
C VAL B 95 -5.66 9.03 -12.93
N PHE B 96 -6.16 7.81 -13.15
CA PHE B 96 -5.28 6.64 -13.16
C PHE B 96 -4.19 6.77 -14.20
N MET B 97 -4.58 7.00 -15.43
CA MET B 97 -3.58 7.08 -16.51
C MET B 97 -2.60 8.24 -16.34
N GLU B 98 -3.09 9.37 -15.86
CA GLU B 98 -2.20 10.45 -15.54
C GLU B 98 -1.14 10.07 -14.48
N ASN B 99 -1.56 9.34 -13.42
CA ASN B 99 -0.63 8.95 -12.35
C ASN B 99 0.34 7.91 -12.92
N LEU B 100 -0.17 7.03 -13.76
CA LEU B 100 0.65 5.97 -14.33
C LEU B 100 1.77 6.57 -15.15
N MET B 101 1.43 7.52 -16.02
CA MET B 101 2.47 8.22 -16.77
C MET B 101 3.42 8.96 -15.83
N LYS B 102 2.84 9.63 -14.84
CA LYS B 102 3.70 10.38 -13.95
C LYS B 102 4.64 9.47 -13.10
N LYS B 103 4.15 8.32 -12.61
CA LYS B 103 4.98 7.37 -11.83
C LYS B 103 6.07 6.72 -12.68
N THR B 104 5.71 6.33 -13.90
CA THR B 104 6.70 5.72 -14.78
C THR B 104 7.82 6.73 -15.16
N LYS B 105 7.48 7.98 -15.44
CA LYS B 105 8.49 9.03 -15.72
C LYS B 105 9.37 9.28 -14.49
N GLN B 106 8.72 9.35 -13.34
CA GLN B 106 9.45 9.53 -12.12
C GLN B 106 10.44 8.37 -11.92
N THR B 107 10.11 7.16 -12.35
CA THR B 107 11.01 5.97 -12.16
C THR B 107 12.16 6.01 -13.14
N ILE B 108 11.86 6.36 -14.39
CA ILE B 108 12.89 6.60 -15.39
C ILE B 108 13.88 7.66 -14.90
N SER B 109 13.34 8.78 -14.46
CA SER B 109 14.13 9.89 -14.02
C SER B 109 14.99 9.51 -12.77
N LEU B 110 14.46 8.65 -11.90
CA LEU B 110 15.21 8.14 -10.75
C LEU B 110 16.46 7.34 -11.18
N PHE B 111 16.36 6.51 -12.22
CA PHE B 111 17.56 5.85 -12.74
C PHE B 111 18.55 6.81 -13.36
N LYS B 112 18.03 7.81 -14.06
CA LYS B 112 18.86 8.79 -14.73
C LYS B 112 19.68 9.57 -13.70
N GLU B 113 19.01 10.02 -12.64
CA GLU B 113 19.65 10.86 -11.64
C GLU B 113 20.52 10.06 -10.69
N GLY B 114 20.06 8.88 -10.29
CA GLY B 114 20.80 8.03 -9.34
C GLY B 114 22.06 7.35 -9.83
N LYS B 115 22.12 7.13 -11.14
CA LYS B 115 23.24 6.48 -11.79
C LYS B 115 23.73 5.25 -11.01
N GLU B 116 24.96 5.28 -10.49
CA GLU B 116 25.57 4.09 -9.87
C GLU B 116 24.98 3.75 -8.50
N ARG B 117 24.39 4.74 -7.83
CA ARG B 117 23.81 4.49 -6.50
C ARG B 117 22.55 3.57 -6.51
N MET B 118 21.94 3.38 -7.70
CA MET B 118 20.85 2.41 -7.91
C MET B 118 21.26 0.99 -7.53
N TYR B 119 22.55 0.73 -7.52
CA TYR B 119 23.05 -0.62 -7.28
C TYR B 119 23.44 -0.92 -5.82
N GLU B 120 23.53 0.13 -5.00
CA GLU B 120 23.86 0.01 -3.59
C GLU B 120 22.55 -0.11 -2.82
N GLU B 121 22.17 -1.35 -2.48
CA GLU B 121 21.03 -1.56 -1.61
C GLU B 121 21.34 -0.70 -0.38
N ASN B 122 20.32 -0.02 0.12
CA ASN B 122 20.53 0.91 1.25
C ASN B 122 20.78 2.35 0.80
N SER B 123 21.11 2.56 -0.48
CA SER B 123 21.15 3.93 -1.02
C SER B 123 19.74 4.50 -1.06
N GLN B 124 19.59 5.80 -0.90
CA GLN B 124 18.27 6.40 -1.01
C GLN B 124 17.60 6.17 -2.40
N PRO B 125 18.35 6.30 -3.51
CA PRO B 125 17.74 6.04 -4.81
C PRO B 125 17.18 4.63 -4.94
N ARG B 126 17.85 3.66 -4.32
CA ARG B 126 17.39 2.30 -4.40
C ARG B 126 16.13 2.09 -3.54
N ARG B 127 16.12 2.68 -2.35
CA ARG B 127 14.95 2.71 -1.51
C ARG B 127 13.75 3.33 -2.24
N ASN B 128 13.96 4.39 -3.00
CA ASN B 128 12.88 5.00 -3.76
C ASN B 128 12.34 4.06 -4.85
N LEU B 129 13.21 3.29 -5.49
CA LEU B 129 12.74 2.25 -6.48
C LEU B 129 11.82 1.21 -5.81
N THR B 130 12.16 0.85 -4.58
CA THR B 130 11.34 -0.07 -3.80
C THR B 130 9.96 0.53 -3.45
N LYS B 131 9.96 1.76 -3.00
CA LYS B 131 8.70 2.48 -2.70
C LYS B 131 7.85 2.61 -3.98
N LEU B 132 8.49 2.90 -5.12
CA LEU B 132 7.78 2.93 -6.42
C LEU B 132 7.17 1.56 -6.81
N SER B 133 7.94 0.49 -6.61
CA SER B 133 7.43 -0.83 -6.84
C SER B 133 6.16 -1.06 -6.03
N LEU B 134 6.19 -0.69 -4.75
CA LEU B 134 4.99 -0.76 -3.91
C LEU B 134 3.86 0.14 -4.46
N ILE B 135 4.19 1.36 -4.85
CA ILE B 135 3.14 2.17 -5.42
C ILE B 135 2.52 1.53 -6.70
N PHE B 136 3.35 0.95 -7.56
CA PHE B 136 2.79 0.26 -8.74
C PHE B 136 1.88 -0.91 -8.33
N SER B 137 2.25 -1.60 -7.26
CA SER B 137 1.44 -2.69 -6.79
C SER B 137 0.07 -2.18 -6.34
N HIS B 138 0.05 -1.08 -5.57
CA HIS B 138 -1.19 -0.47 -5.09
C HIS B 138 -2.06 0.08 -6.24
N MET B 139 -1.42 0.65 -7.26
CA MET B 139 -2.12 1.11 -8.47
C MET B 139 -2.83 -0.02 -9.21
N LEU B 140 -2.13 -1.15 -9.44
CA LEU B 140 -2.74 -2.29 -10.09
C LEU B 140 -3.89 -2.87 -9.28
N ALA B 141 -3.69 -3.00 -7.97
CA ALA B 141 -4.77 -3.48 -7.12
C ALA B 141 -5.99 -2.52 -7.22
N GLU B 142 -5.73 -1.21 -7.18
CA GLU B 142 -6.84 -0.26 -7.28
C GLU B 142 -7.53 -0.35 -8.65
N LEU B 143 -6.74 -0.39 -9.72
CA LEU B 143 -7.31 -0.58 -11.05
C LEU B 143 -8.21 -1.80 -11.13
N LYS B 144 -7.74 -2.92 -10.61
CA LYS B 144 -8.52 -4.14 -10.64
C LYS B 144 -9.76 -4.07 -9.80
N GLY B 145 -9.70 -3.35 -8.69
CA GLY B 145 -10.85 -3.19 -7.82
C GLY B 145 -11.92 -2.30 -8.44
N ILE B 146 -11.51 -1.34 -9.25
CA ILE B 146 -12.43 -0.38 -9.87
C ILE B 146 -12.90 -0.90 -11.21
N PHE B 147 -12.01 -1.56 -11.96
CA PHE B 147 -12.37 -2.18 -13.24
C PHE B 147 -12.26 -3.70 -13.20
N PRO B 148 -13.05 -4.40 -12.34
CA PRO B 148 -12.81 -5.83 -12.32
C PRO B 148 -13.43 -6.41 -13.60
N SER B 149 -12.72 -7.30 -14.27
CA SER B 149 -13.22 -7.69 -15.63
C SER B 149 -13.15 -6.63 -16.69
N GLY B 150 -12.53 -5.49 -16.40
CA GLY B 150 -12.29 -4.44 -17.41
C GLY B 150 -13.44 -3.49 -17.68
N LEU B 151 -14.55 -3.68 -17.00
CA LEU B 151 -15.67 -2.73 -17.04
C LEU B 151 -15.67 -1.82 -15.80
N PHE B 152 -15.84 -0.52 -15.99
CA PHE B 152 -15.88 0.43 -14.85
C PHE B 152 -16.98 0.10 -13.85
N GLN B 153 -16.62 -0.08 -12.58
CA GLN B 153 -17.62 -0.33 -11.53
C GLN B 153 -17.42 0.52 -10.29
N GLY B 154 -16.80 1.68 -10.44
CA GLY B 154 -16.44 2.52 -9.29
C GLY B 154 -17.66 3.03 -8.54
N ASP B 155 -18.71 3.28 -9.30
CA ASP B 155 -19.94 3.82 -8.76
C ASP B 155 -20.77 2.75 -8.02
N THR B 156 -20.48 1.48 -8.28
CA THR B 156 -21.18 0.41 -7.58
C THR B 156 -20.23 -0.35 -6.66
N PHE B 157 -18.98 0.12 -6.54
CA PHE B 157 -18.00 -0.44 -5.60
C PHE B 157 -18.67 -0.68 -4.23
N ARG B 158 -18.44 -1.84 -3.66
CA ARG B 158 -19.10 -2.15 -2.41
C ARG B 158 -18.10 -1.96 -1.26
N ILE B 159 -18.38 -1.02 -0.35
CA ILE B 159 -17.44 -0.66 0.70
C ILE B 159 -17.62 -1.67 1.84
N THR B 160 -16.51 -2.12 2.38
CA THR B 160 -16.52 -3.26 3.27
C THR B 160 -17.13 -2.95 4.64
N LYS B 161 -16.69 -1.88 5.29
CA LYS B 161 -17.24 -1.59 6.63
C LYS B 161 -18.51 -0.77 6.51
N ALA B 162 -19.62 -1.22 7.09
CA ALA B 162 -20.95 -0.56 6.83
C ALA B 162 -20.98 0.91 7.29
N ASP B 163 -20.40 1.17 8.47
CA ASP B 163 -20.18 2.55 8.98
C ASP B 163 -19.39 3.41 8.02
N ALA B 164 -18.26 2.88 7.56
CA ALA B 164 -17.43 3.63 6.62
C ALA B 164 -18.22 3.91 5.34
N ALA B 165 -18.97 2.91 4.86
CA ALA B 165 -19.76 3.05 3.63
C ALA B 165 -20.68 4.23 3.72
N GLU B 166 -21.38 4.29 4.83
CA GLU B 166 -22.39 5.28 5.04
C GLU B 166 -21.78 6.68 5.00
N PHE B 167 -20.56 6.87 5.55
CA PHE B 167 -19.86 8.16 5.49
C PHE B 167 -19.54 8.51 4.04
N TRP B 168 -19.07 7.54 3.26
CA TRP B 168 -18.71 7.82 1.88
C TRP B 168 -19.96 8.21 1.06
N ARG B 169 -21.07 7.50 1.25
CA ARG B 169 -22.32 7.76 0.47
C ARG B 169 -22.91 9.11 0.82
N LYS B 170 -22.87 9.46 2.11
CA LYS B 170 -23.34 10.74 2.59
C LYS B 170 -22.50 11.87 2.02
N ALA B 171 -21.18 11.77 2.05
CA ALA B 171 -20.41 12.92 1.61
C ALA B 171 -20.15 12.93 0.12
N PHE B 172 -20.02 11.76 -0.49
CA PHE B 172 -19.59 11.71 -1.90
C PHE B 172 -20.49 10.94 -2.83
N GLY B 173 -21.57 10.37 -2.30
CA GLY B 173 -22.51 9.61 -3.12
C GLY B 173 -21.82 8.45 -3.80
N GLU B 174 -21.89 8.42 -5.13
CA GLU B 174 -21.36 7.30 -5.90
C GLU B 174 -20.04 7.65 -6.62
N LYS B 175 -19.45 8.77 -6.22
CA LYS B 175 -18.12 9.13 -6.71
C LYS B 175 -17.09 8.02 -6.39
N THR B 176 -16.18 7.84 -7.33
CA THR B 176 -15.08 6.89 -7.25
C THR B 176 -13.81 7.56 -6.70
N ILE B 177 -13.67 8.85 -6.96
CA ILE B 177 -12.43 9.54 -6.66
C ILE B 177 -12.74 10.98 -6.25
N VAL B 178 -12.06 11.46 -5.21
CA VAL B 178 -12.25 12.83 -4.70
C VAL B 178 -10.91 13.43 -4.36
N PRO B 179 -10.75 14.74 -4.54
CA PRO B 179 -9.45 15.34 -4.17
C PRO B 179 -9.12 15.18 -2.70
N TRP B 180 -7.83 15.03 -2.36
CA TRP B 180 -7.41 14.96 -0.95
C TRP B 180 -8.08 16.02 -0.03
N LYS B 181 -8.00 17.28 -0.43
CA LYS B 181 -8.50 18.42 0.38
C LYS B 181 -9.95 18.18 0.71
N SER B 182 -10.67 17.79 -0.31
CA SER B 182 -12.05 17.55 -0.17
C SER B 182 -12.31 16.27 0.71
N PHE B 183 -11.42 15.28 0.65
CA PHE B 183 -11.59 14.10 1.53
C PHE B 183 -11.29 14.52 2.94
N ARG B 184 -10.24 15.29 3.07
CA ARG B 184 -9.77 15.68 4.37
C ARG B 184 -10.87 16.42 5.16
N GLN B 185 -11.48 17.42 4.52
CA GLN B 185 -12.49 18.30 5.19
C GLN B 185 -13.74 17.49 5.58
N ALA B 186 -14.15 16.57 4.69
CA ALA B 186 -15.30 15.77 5.00
C ALA B 186 -15.01 14.80 6.17
N LEU B 187 -13.84 14.15 6.16
CA LEU B 187 -13.48 13.23 7.24
C LEU B 187 -13.40 13.98 8.57
N HIS B 188 -12.72 15.13 8.55
CA HIS B 188 -12.56 15.99 9.72
C HIS B 188 -13.86 16.36 10.40
N GLU B 189 -14.92 16.60 9.63
CA GLU B 189 -16.25 16.87 10.21
C GLU B 189 -16.72 15.72 11.09
N VAL B 190 -16.33 14.48 10.81
CA VAL B 190 -16.81 13.36 11.63
C VAL B 190 -15.74 12.80 12.57
N HIS B 191 -14.50 12.77 12.08
CA HIS B 191 -13.36 12.36 12.90
C HIS B 191 -12.29 13.44 12.88
N PRO B 192 -12.29 14.33 13.89
CA PRO B 192 -11.37 15.47 13.85
C PRO B 192 -9.92 15.05 13.75
N ILE B 193 -9.23 15.69 12.82
CA ILE B 193 -7.78 15.57 12.66
C ILE B 193 -7.13 16.62 13.57
N SER B 194 -6.18 16.16 14.37
CA SER B 194 -5.51 17.01 15.33
C SER B 194 -4.74 18.22 14.81
N SER B 195 -4.13 18.13 13.64
CA SER B 195 -3.15 19.14 13.28
C SER B 195 -2.80 18.98 11.83
N GLY B 196 -2.13 19.97 11.22
CA GLY B 196 -1.75 19.85 9.80
C GLY B 196 -0.69 18.73 9.61
N LEU B 197 0.20 18.57 10.58
CA LEU B 197 1.20 17.55 10.54
C LEU B 197 0.57 16.16 10.56
N GLU B 198 -0.46 15.97 11.39
CA GLU B 198 -1.21 14.70 11.40
C GLU B 198 -2.02 14.50 10.12
N ALA B 199 -2.59 15.58 9.58
CA ALA B 199 -3.27 15.49 8.31
C ALA B 199 -2.31 14.98 7.22
N MET B 200 -1.07 15.47 7.23
CA MET B 200 -0.10 15.02 6.25
C MET B 200 0.29 13.53 6.50
N ALA B 201 0.46 13.13 7.77
CA ALA B 201 0.75 11.71 8.08
C ALA B 201 -0.41 10.83 7.58
N LEU B 202 -1.60 11.39 7.62
CA LEU B 202 -2.83 10.65 7.32
C LEU B 202 -2.86 10.47 5.81
N LYS B 203 -2.61 11.57 5.13
CA LYS B 203 -2.57 11.53 3.69
C LYS B 203 -1.55 10.48 3.19
N SER B 204 -0.36 10.45 3.77
CA SER B 204 0.60 9.54 3.23
C SER B 204 0.23 8.09 3.58
N THR B 205 -0.63 7.87 4.59
CA THR B 205 -1.10 6.54 4.93
C THR B 205 -2.20 6.12 3.93
N ILE B 206 -3.16 7.02 3.64
CA ILE B 206 -4.32 6.59 2.93
C ILE B 206 -4.09 6.65 1.41
N ASP B 207 -3.19 7.52 0.96
CA ASP B 207 -3.09 7.81 -0.47
C ASP B 207 -2.05 6.82 -1.01
N LEU B 208 -2.45 5.56 -1.12
CA LEU B 208 -1.56 4.44 -1.56
C LEU B 208 -0.99 4.68 -2.96
N THR B 209 -1.76 5.35 -3.83
CA THR B 209 -1.25 5.52 -5.19
C THR B 209 -0.48 6.80 -5.33
N CYS B 210 -0.41 7.56 -4.24
CA CYS B 210 0.46 8.75 -4.16
C CYS B 210 0.15 9.76 -5.24
N ASN B 211 -1.13 10.03 -5.40
CA ASN B 211 -1.54 10.97 -6.42
C ASN B 211 -2.42 12.14 -5.95
N ASP B 212 -2.53 12.41 -4.65
CA ASP B 212 -3.38 13.53 -4.16
C ASP B 212 -4.90 13.39 -4.36
N TYR B 213 -5.32 12.20 -4.79
CA TYR B 213 -6.74 11.86 -4.76
C TYR B 213 -6.95 10.68 -3.84
N ILE B 214 -8.15 10.58 -3.30
CA ILE B 214 -8.53 9.44 -2.51
C ILE B 214 -9.62 8.71 -3.26
N SER B 215 -9.36 7.46 -3.67
CA SER B 215 -10.38 6.62 -4.27
C SER B 215 -11.23 5.88 -3.26
N VAL B 216 -12.43 5.53 -3.66
CA VAL B 216 -13.31 4.66 -2.85
C VAL B 216 -12.60 3.34 -2.48
N PHE B 217 -11.75 2.83 -3.36
CA PHE B 217 -10.88 1.65 -3.08
C PHE B 217 -9.83 1.96 -1.95
N GLU B 218 -9.08 3.07 -2.06
CA GLU B 218 -8.14 3.49 -1.00
C GLU B 218 -8.85 3.73 0.33
N PHE B 219 -10.01 4.36 0.27
CA PHE B 219 -10.84 4.55 1.45
C PHE B 219 -11.22 3.17 2.08
N ASP B 220 -11.62 2.22 1.25
CA ASP B 220 -11.97 0.88 1.74
C ASP B 220 -10.75 0.23 2.42
N ILE B 221 -9.61 0.25 1.76
CA ILE B 221 -8.38 -0.26 2.36
C ILE B 221 -8.05 0.35 3.73
N PHE B 222 -8.05 1.69 3.83
CA PHE B 222 -7.74 2.36 5.09
C PHE B 222 -8.75 2.01 6.15
N THR B 223 -10.04 2.01 5.80
CA THR B 223 -11.04 1.80 6.84
C THR B 223 -11.10 0.32 7.20
N ARG B 224 -10.65 -0.56 6.32
CA ARG B 224 -10.50 -1.95 6.81
C ARG B 224 -9.31 -2.06 7.82
N LEU B 225 -8.15 -1.55 7.44
CA LEU B 225 -6.97 -1.60 8.29
C LEU B 225 -7.18 -0.97 9.64
N PHE B 226 -7.93 0.14 9.72
CA PHE B 226 -7.96 0.91 10.96
C PHE B 226 -9.34 0.90 11.62
N GLN B 227 -10.18 -0.07 11.26
CA GLN B 227 -11.47 -0.28 11.94
C GLN B 227 -11.21 -0.56 13.41
N PRO B 228 -12.21 -0.34 14.31
CA PRO B 228 -13.57 0.18 13.96
C PRO B 228 -13.65 1.68 13.60
N TRP B 229 -14.61 1.98 12.73
CA TRP B 229 -14.89 3.31 12.24
C TRP B 229 -15.16 4.27 13.40
N SER B 230 -15.85 3.79 14.43
CA SER B 230 -16.29 4.69 15.51
C SER B 230 -15.07 5.35 16.12
N SER B 231 -13.91 4.70 16.12
CA SER B 231 -12.70 5.30 16.66
C SER B 231 -11.57 5.36 15.62
N LEU B 232 -11.95 5.51 14.37
CA LEU B 232 -11.03 5.34 13.25
C LEU B 232 -9.64 5.98 13.50
N LEU B 233 -9.60 7.28 13.81
CA LEU B 233 -8.32 7.98 13.82
C LEU B 233 -7.54 7.85 15.11
N ARG B 234 -8.22 7.56 16.20
CA ARG B 234 -7.51 7.11 17.40
C ARG B 234 -6.89 5.71 17.17
N ASN B 235 -7.56 4.80 16.47
CA ASN B 235 -6.95 3.52 16.09
C ASN B 235 -5.64 3.77 15.32
N TRP B 236 -5.75 4.63 14.31
CA TRP B 236 -4.64 4.92 13.40
C TRP B 236 -3.51 5.67 14.15
N ASN B 237 -3.87 6.54 15.08
CA ASN B 237 -2.90 7.19 15.92
C ASN B 237 -2.12 6.18 16.78
N SER B 238 -2.84 5.29 17.43
CA SER B 238 -2.22 4.21 18.23
C SER B 238 -1.39 3.18 17.45
N LEU B 239 -1.81 2.82 16.24
CA LEU B 239 -1.17 1.73 15.52
C LEU B 239 -0.08 2.20 14.59
N ALA B 240 -0.09 3.48 14.26
CA ALA B 240 0.76 3.94 13.17
C ALA B 240 1.46 5.21 13.56
N VAL B 241 0.72 6.18 14.08
CA VAL B 241 1.37 7.46 14.35
C VAL B 241 2.35 7.41 15.50
N THR B 242 1.98 6.82 16.65
CA THR B 242 2.84 6.78 17.80
C THR B 242 3.48 5.39 18.08
N HIS B 243 3.32 4.43 17.17
CA HIS B 243 3.83 3.10 17.36
C HIS B 243 5.15 2.87 16.64
N PRO B 244 6.20 2.58 17.41
CA PRO B 244 7.48 2.35 16.70
C PRO B 244 7.49 1.09 15.85
N GLY B 245 6.52 0.20 16.05
CA GLY B 245 6.54 -1.04 15.24
C GLY B 245 6.00 -0.88 13.82
N TYR B 246 5.24 0.18 13.54
CA TYR B 246 4.62 0.38 12.24
C TYR B 246 5.65 0.79 11.17
N MET B 247 5.54 0.19 9.99
CA MET B 247 6.49 0.49 8.87
C MET B 247 5.72 0.93 7.67
N ALA B 248 5.46 2.24 7.60
CA ALA B 248 4.70 2.82 6.51
C ALA B 248 4.85 2.03 5.23
N PHE B 249 5.90 2.30 4.48
CA PHE B 249 5.89 1.69 3.10
C PHE B 249 7.08 0.74 3.09
N LEU B 250 6.84 -0.51 3.49
CA LEU B 250 7.91 -1.45 3.62
C LEU B 250 7.44 -2.72 3.00
N THR B 251 8.30 -3.33 2.18
CA THR B 251 7.99 -4.65 1.62
C THR B 251 8.34 -5.81 2.55
N TYR B 252 7.85 -7.00 2.18
CA TYR B 252 8.20 -8.24 2.89
C TYR B 252 9.75 -8.41 3.09
N ASP B 253 10.53 -8.33 2.00
CA ASP B 253 12.01 -8.47 2.11
C ASP B 253 12.64 -7.32 2.93
N GLU B 254 12.08 -6.12 2.86
CA GLU B 254 12.64 -5.08 3.73
C GLU B 254 12.41 -5.39 5.22
N VAL B 255 11.22 -5.91 5.57
CA VAL B 255 10.96 -6.33 6.98
C VAL B 255 12.00 -7.37 7.41
N LYS B 256 12.31 -8.28 6.50
CA LYS B 256 13.18 -9.42 6.81
C LYS B 256 14.59 -8.86 7.04
N ALA B 257 15.03 -7.97 6.16
CA ALA B 257 16.31 -7.25 6.29
C ALA B 257 16.35 -6.44 7.57
N ARG B 258 15.27 -5.74 7.90
CA ARG B 258 15.32 -4.90 9.10
C ARG B 258 15.40 -5.72 10.41
N LEU B 259 14.73 -6.87 10.46
CA LEU B 259 14.70 -7.66 11.70
C LEU B 259 16.00 -8.49 11.86
N GLN B 260 16.72 -8.67 10.76
CA GLN B 260 17.99 -9.40 10.71
C GLN B 260 18.96 -8.85 11.76
N LYS B 261 18.92 -7.54 11.95
CA LYS B 261 19.80 -6.86 12.88
C LYS B 261 19.34 -7.18 14.32
N PHE B 262 18.12 -7.67 14.47
CA PHE B 262 17.64 -8.09 15.78
C PHE B 262 17.56 -9.60 15.92
N ILE B 263 18.33 -10.32 15.10
CA ILE B 263 18.23 -11.79 15.10
C ILE B 263 18.56 -12.41 16.47
N HIS B 264 19.42 -11.73 17.23
CA HIS B 264 19.81 -12.16 18.57
C HIS B 264 18.89 -11.56 19.62
N LYS B 265 17.84 -10.87 19.17
CA LYS B 265 16.85 -10.35 20.10
C LYS B 265 15.42 -10.85 19.87
N PRO B 266 15.15 -12.12 20.23
CA PRO B 266 13.83 -12.76 20.08
C PRO B 266 12.71 -11.90 20.67
N GLY B 267 11.59 -11.80 19.99
CA GLY B 267 10.51 -10.93 20.49
C GLY B 267 10.54 -9.60 19.74
N SER B 268 11.59 -9.32 18.99
CA SER B 268 11.56 -8.12 18.14
C SER B 268 10.53 -8.33 17.03
N TYR B 269 9.79 -7.28 16.70
CA TYR B 269 8.72 -7.41 15.69
C TYR B 269 8.44 -6.06 15.10
N ILE B 270 7.92 -6.09 13.87
CA ILE B 270 7.45 -4.87 13.24
C ILE B 270 6.21 -5.30 12.45
N PHE B 271 5.44 -4.35 11.92
CA PHE B 271 4.26 -4.74 11.18
C PHE B 271 3.99 -3.64 10.16
N ARG B 272 3.16 -3.96 9.17
CA ARG B 272 3.01 -3.09 8.00
C ARG B 272 1.78 -3.56 7.19
N LEU B 273 1.40 -2.78 6.16
CA LEU B 273 0.43 -3.25 5.18
C LEU B 273 1.01 -4.42 4.39
N SER B 274 0.25 -5.49 4.31
CA SER B 274 0.52 -6.49 3.29
C SER B 274 0.32 -5.88 1.92
N CYS B 275 1.29 -6.17 1.05
CA CYS B 275 1.25 -5.76 -0.32
C CYS B 275 0.26 -6.63 -1.14
N THR B 276 0.34 -7.96 -1.01
CA THR B 276 -0.46 -8.90 -1.85
C THR B 276 -1.81 -9.14 -1.27
N ARG B 277 -2.06 -8.76 -0.03
CA ARG B 277 -3.42 -8.92 0.48
C ARG B 277 -3.82 -7.54 1.02
N LEU B 278 -4.07 -6.63 0.11
CA LEU B 278 -4.23 -5.23 0.47
C LEU B 278 -5.46 -5.05 1.35
N GLY B 279 -5.30 -4.39 2.49
CA GLY B 279 -6.43 -4.33 3.42
C GLY B 279 -6.15 -5.16 4.64
N GLN B 280 -5.12 -6.03 4.58
CA GLN B 280 -4.76 -6.84 5.77
C GLN B 280 -3.35 -6.49 6.24
N TRP B 281 -3.07 -6.79 7.51
CA TRP B 281 -1.81 -6.48 8.12
C TRP B 281 -0.81 -7.66 8.04
N ALA B 282 0.49 -7.37 8.05
CA ALA B 282 1.52 -8.40 8.07
C ALA B 282 2.47 -8.07 9.24
N ILE B 283 2.66 -9.02 10.16
CA ILE B 283 3.55 -8.82 11.27
C ILE B 283 4.78 -9.69 11.06
N GLY B 284 5.98 -9.09 11.19
CA GLY B 284 7.22 -9.84 11.09
C GLY B 284 7.81 -9.89 12.49
N TYR B 285 8.37 -11.03 12.87
CA TYR B 285 8.94 -11.15 14.20
C TYR B 285 10.11 -12.17 14.21
N VAL B 286 10.96 -12.01 15.21
CA VAL B 286 12.12 -12.86 15.42
C VAL B 286 11.74 -13.88 16.48
N THR B 287 11.85 -15.17 16.15
CA THR B 287 11.54 -16.22 17.14
C THR B 287 12.77 -16.55 17.98
N ALA B 288 12.53 -17.22 19.10
CA ALA B 288 13.65 -17.59 19.99
C ALA B 288 14.57 -18.61 19.28
N ASP B 289 14.04 -19.32 18.29
CA ASP B 289 14.93 -20.24 17.56
C ASP B 289 15.71 -19.63 16.37
N GLY B 290 15.62 -18.29 16.27
CA GLY B 290 16.40 -17.55 15.31
C GLY B 290 15.76 -17.53 13.92
N ASN B 291 14.45 -17.73 13.85
CA ASN B 291 13.75 -17.49 12.60
C ASN B 291 13.11 -16.10 12.53
N ILE B 292 12.95 -15.65 11.32
CA ILE B 292 12.22 -14.43 11.06
C ILE B 292 11.01 -14.79 10.28
N LEU B 293 9.86 -14.69 10.93
CA LEU B 293 8.63 -15.11 10.30
C LEU B 293 7.70 -13.96 10.05
N GLN B 294 6.79 -14.11 9.11
CA GLN B 294 5.81 -13.06 8.92
C GLN B 294 4.45 -13.76 8.83
N THR B 295 3.42 -13.11 9.41
CA THR B 295 2.10 -13.68 9.56
C THR B 295 1.03 -12.59 9.28
N ILE B 296 -0.14 -13.01 8.80
CA ILE B 296 -1.26 -12.13 8.51
C ILE B 296 -2.33 -12.49 9.51
N PRO B 297 -2.49 -11.67 10.57
CA PRO B 297 -3.55 -11.95 11.55
C PRO B 297 -4.96 -12.01 10.89
N HIS B 298 -5.75 -13.02 11.29
CA HIS B 298 -7.13 -13.28 10.78
C HIS B 298 -8.08 -13.38 11.97
N ASN B 299 -9.34 -13.03 11.76
CA ASN B 299 -10.31 -13.19 12.88
C ASN B 299 -9.90 -12.57 14.20
N LYS B 300 -9.09 -11.54 14.14
CA LYS B 300 -8.60 -10.97 15.36
C LYS B 300 -8.16 -9.64 14.84
N PRO B 301 -8.63 -8.57 15.45
CA PRO B 301 -8.09 -7.27 15.05
C PRO B 301 -6.59 -7.13 15.42
N LEU B 302 -5.89 -6.26 14.71
CA LEU B 302 -4.49 -5.99 14.94
C LEU B 302 -4.23 -5.74 16.40
N PHE B 303 -5.04 -4.86 16.97
CA PHE B 303 -4.97 -4.54 18.38
C PHE B 303 -4.82 -5.78 19.22
N GLN B 304 -5.73 -6.74 19.04
CA GLN B 304 -5.72 -7.95 19.84
C GLN B 304 -4.53 -8.85 19.50
N ALA B 305 -4.24 -9.04 18.21
CA ALA B 305 -3.03 -9.80 17.84
C ALA B 305 -1.79 -9.23 18.57
N LEU B 306 -1.68 -7.91 18.63
CA LEU B 306 -0.50 -7.31 19.20
C LEU B 306 -0.42 -7.50 20.71
N ILE B 307 -1.58 -7.40 21.35
CA ILE B 307 -1.67 -7.57 22.82
C ILE B 307 -1.48 -9.03 23.21
N ASP B 308 -2.19 -9.93 22.54
CA ASP B 308 -2.00 -11.36 22.76
C ASP B 308 -0.53 -11.73 22.51
N GLY B 309 0.02 -11.21 21.40
CA GLY B 309 1.38 -11.54 21.01
C GLY B 309 2.36 -11.01 22.02
N PHE B 310 2.06 -9.84 22.59
CA PHE B 310 2.90 -9.38 23.69
C PHE B 310 2.84 -10.40 24.83
N ARG B 311 1.64 -10.64 25.33
CA ARG B 311 1.44 -11.53 26.47
C ARG B 311 2.02 -12.93 26.32
N GLU B 312 2.01 -13.43 25.09
CA GLU B 312 2.51 -14.76 24.89
C GLU B 312 4.01 -14.71 24.70
N GLY B 313 4.60 -13.51 24.77
CA GLY B 313 6.04 -13.45 24.64
C GLY B 313 6.57 -13.42 23.22
N PHE B 314 5.72 -13.23 22.21
CA PHE B 314 6.24 -13.15 20.83
C PHE B 314 6.50 -11.74 20.31
N TYR B 315 5.61 -10.80 20.68
CA TYR B 315 5.72 -9.45 20.12
C TYR B 315 6.13 -8.52 21.22
N LEU B 316 7.42 -8.45 21.48
CA LEU B 316 7.89 -7.72 22.68
C LEU B 316 8.56 -6.38 22.44
N PHE B 317 9.34 -6.30 21.39
CA PHE B 317 10.28 -5.19 21.17
C PHE B 317 10.05 -4.60 19.81
N PRO B 318 9.24 -3.51 19.76
CA PRO B 318 8.77 -3.05 18.48
C PRO B 318 9.97 -2.39 17.82
N ASP B 319 10.25 -2.84 16.62
CA ASP B 319 11.45 -2.44 15.93
C ASP B 319 12.68 -2.58 16.82
N GLY B 320 12.66 -3.59 17.70
CA GLY B 320 13.81 -3.92 18.49
C GLY B 320 13.94 -3.05 19.74
N ARG B 321 12.99 -2.14 20.00
CA ARG B 321 13.09 -1.31 21.20
C ARG B 321 12.63 -2.05 22.41
N ASN B 322 13.23 -1.70 23.55
CA ASN B 322 12.95 -2.34 24.82
C ASN B 322 11.55 -2.11 25.30
N GLN B 323 11.02 -0.93 25.01
CA GLN B 323 9.69 -0.55 25.49
C GLN B 323 8.61 -0.74 24.41
N ASN B 324 7.48 -1.33 24.80
CA ASN B 324 6.40 -1.63 23.87
C ASN B 324 5.20 -0.76 24.18
N PRO B 325 4.53 -0.18 23.16
CA PRO B 325 3.29 0.54 23.53
C PRO B 325 2.26 -0.29 24.29
N ASP B 326 1.53 0.37 25.17
CA ASP B 326 0.41 -0.24 25.82
C ASP B 326 -0.86 0.07 24.99
N LEU B 327 -1.35 -0.94 24.28
CA LEU B 327 -2.51 -0.77 23.42
C LEU B 327 -3.80 -1.20 24.07
N THR B 328 -3.79 -1.51 25.36
CA THR B 328 -5.03 -1.86 26.04
C THR B 328 -6.00 -0.66 26.13
#